data_1OR4
#
_entry.id   1OR4
#
_cell.length_a   49.994
_cell.length_b   80.117
_cell.length_c   85.944
_cell.angle_alpha   90.00
_cell.angle_beta   90.00
_cell.angle_gamma   90.00
#
_symmetry.space_group_name_H-M   'P 21 21 21'
#
loop_
_entity.id
_entity.type
_entity.pdbx_description
1 polymer 'Heme-based aerotactic transducer hemAT'
2 non-polymer 'CYANIDE ION'
3 non-polymer 'PROTOPORPHYRIN IX CONTAINING FE'
4 water water
#
_entity_poly.entity_id   1
_entity_poly.type   'polypeptide(L)'
_entity_poly.pdbx_seq_one_letter_code
;MLFKKDRKQETAYFSDSNGQQKNRIQLTNKHADVKKQLKMVRLGDAELYVLEQLQPLIQENIVNIVDAFYKNLDHESSLM
DIINDHSSVDRLKQTLKRHIQEMFAGVIDDEFIEKRNRIASIHLRIGLLPKWYMGAFQELLLSMIDIYEASITNQQELLK
AIKATTKILNLEQQLVLE
;
_entity_poly.pdbx_strand_id   A,B
#
# COMPACT_ATOMS: atom_id res chain seq x y z
N GLU A 10 16.67 -24.16 15.52
CA GLU A 10 15.27 -24.18 15.08
C GLU A 10 15.14 -24.38 13.57
N THR A 11 13.91 -24.45 13.09
CA THR A 11 13.60 -24.58 11.67
C THR A 11 13.32 -23.21 11.08
N ALA A 12 13.49 -22.99 9.77
CA ALA A 12 13.13 -21.70 9.18
C ALA A 12 12.05 -21.83 8.11
N TYR A 13 11.31 -20.76 7.85
CA TYR A 13 10.34 -20.79 6.75
C TYR A 13 11.06 -20.55 5.43
N PHE A 14 11.79 -19.45 5.35
CA PHE A 14 12.56 -19.16 4.15
C PHE A 14 13.90 -19.91 4.13
N SER A 15 14.23 -20.31 2.93
CA SER A 15 15.47 -20.61 2.28
C SER A 15 16.21 -19.31 2.01
N ASP A 16 17.53 -19.24 2.16
CA ASP A 16 18.14 -17.94 1.82
C ASP A 16 19.01 -18.08 0.58
N SER A 17 18.99 -19.27 0.02
CA SER A 17 19.73 -19.70 -1.14
C SER A 17 19.93 -18.59 -2.17
N ASN A 18 21.00 -17.82 -2.03
CA ASN A 18 21.25 -16.76 -3.01
C ASN A 18 21.42 -17.33 -4.41
N GLY A 19 21.79 -18.60 -4.51
CA GLY A 19 21.82 -19.25 -5.81
C GLY A 19 20.44 -19.11 -6.43
N GLN A 20 19.42 -19.23 -5.61
CA GLN A 20 18.01 -19.25 -5.97
C GLN A 20 17.39 -17.90 -6.25
N GLN A 21 17.96 -16.78 -5.80
CA GLN A 21 17.17 -15.54 -5.90
C GLN A 21 17.56 -14.63 -7.04
N LYS A 22 18.37 -15.04 -7.99
CA LYS A 22 18.81 -14.14 -9.06
C LYS A 22 17.87 -14.09 -10.26
N ASN A 23 18.13 -13.14 -11.13
CA ASN A 23 17.58 -12.87 -12.44
C ASN A 23 16.06 -12.72 -12.46
N ARG A 24 15.46 -12.24 -11.37
CA ARG A 24 14.01 -12.26 -11.28
C ARG A 24 13.37 -11.00 -11.81
N ILE A 25 14.16 -10.12 -12.41
CA ILE A 25 13.66 -8.96 -13.11
C ILE A 25 14.12 -9.00 -14.57
N GLN A 26 13.18 -9.18 -15.49
CA GLN A 26 13.37 -9.26 -16.93
C GLN A 26 12.51 -8.22 -17.65
N LEU A 27 13.07 -7.03 -17.79
CA LEU A 27 12.38 -5.88 -18.35
C LEU A 27 13.17 -5.30 -19.51
N THR A 28 12.45 -4.93 -20.56
CA THR A 28 13.15 -4.29 -21.68
C THR A 28 13.09 -2.78 -21.51
N ASN A 29 13.50 -2.07 -22.54
CA ASN A 29 13.47 -0.61 -22.50
C ASN A 29 12.06 -0.08 -22.68
N LYS A 30 11.15 -0.94 -23.12
CA LYS A 30 9.75 -0.49 -23.19
C LYS A 30 9.33 -0.05 -21.79
N HIS A 31 9.83 -0.83 -20.82
CA HIS A 31 9.51 -0.70 -19.41
C HIS A 31 10.65 -0.09 -18.59
N ALA A 32 11.23 0.96 -19.15
CA ALA A 32 12.40 1.64 -18.60
C ALA A 32 12.10 2.35 -17.29
N ASP A 33 10.92 2.95 -17.17
CA ASP A 33 10.57 3.50 -15.87
C ASP A 33 10.34 2.37 -14.85
N VAL A 34 9.87 1.20 -15.29
CA VAL A 34 9.47 0.26 -14.23
C VAL A 34 10.69 -0.18 -13.42
N LYS A 35 11.89 -0.15 -14.01
CA LYS A 35 13.07 -0.58 -13.26
C LYS A 35 13.41 0.43 -12.16
N LYS A 36 13.07 1.69 -12.38
CA LYS A 36 13.25 2.75 -11.39
C LYS A 36 12.31 2.54 -10.21
N GLN A 37 11.04 2.35 -10.54
CA GLN A 37 9.95 2.02 -9.64
C GLN A 37 10.21 0.86 -8.71
N LEU A 38 10.81 -0.23 -9.23
CA LEU A 38 11.16 -1.38 -8.38
C LEU A 38 12.32 -1.04 -7.44
N LYS A 39 13.21 -0.18 -7.95
CA LYS A 39 14.36 0.23 -7.13
C LYS A 39 13.89 1.09 -5.96
N MET A 40 12.92 1.96 -6.15
CA MET A 40 12.39 2.82 -5.11
C MET A 40 11.61 2.04 -4.07
N VAL A 41 10.81 1.05 -4.48
CA VAL A 41 10.11 0.34 -3.42
C VAL A 41 10.97 -0.82 -2.94
N ARG A 42 12.24 -0.79 -3.33
CA ARG A 42 13.20 -1.81 -2.90
C ARG A 42 12.65 -3.20 -3.20
N LEU A 43 12.07 -3.33 -4.39
CA LEU A 43 11.64 -4.65 -4.85
C LEU A 43 12.79 -5.25 -5.65
N GLY A 44 13.47 -6.26 -5.12
CA GLY A 44 14.61 -6.82 -5.87
C GLY A 44 14.58 -8.34 -5.89
N ASP A 45 15.66 -8.92 -6.34
CA ASP A 45 15.83 -10.37 -6.38
C ASP A 45 15.44 -11.01 -5.06
N ALA A 46 16.07 -10.49 -4.00
CA ALA A 46 15.78 -11.09 -2.70
C ALA A 46 14.31 -10.97 -2.35
N GLU A 47 13.67 -9.83 -2.64
CA GLU A 47 12.27 -9.74 -2.26
C GLU A 47 11.43 -10.64 -3.16
N LEU A 48 11.81 -10.70 -4.44
CA LEU A 48 11.03 -11.58 -5.33
C LEU A 48 11.18 -13.04 -4.96
N TYR A 49 12.38 -13.39 -4.48
CA TYR A 49 12.49 -14.82 -4.10
C TYR A 49 11.63 -15.07 -2.90
N VAL A 50 11.47 -14.03 -2.06
CA VAL A 50 10.64 -14.22 -0.88
C VAL A 50 9.19 -14.41 -1.33
N LEU A 51 8.79 -13.58 -2.29
CA LEU A 51 7.44 -13.66 -2.84
C LEU A 51 7.17 -15.07 -3.33
N GLU A 52 8.12 -15.61 -4.08
CA GLU A 52 7.98 -16.94 -4.64
C GLU A 52 7.79 -18.01 -3.60
N GLN A 53 8.36 -17.79 -2.41
CA GLN A 53 8.23 -18.85 -1.42
C GLN A 53 6.94 -18.74 -0.63
N LEU A 54 6.24 -17.62 -0.75
CA LEU A 54 4.96 -17.44 -0.10
C LEU A 54 3.80 -17.98 -0.92
N GLN A 55 3.99 -18.04 -2.22
CA GLN A 55 3.02 -18.52 -3.20
C GLN A 55 2.27 -19.75 -2.72
N PRO A 56 2.93 -20.79 -2.24
CA PRO A 56 2.20 -21.92 -1.64
C PRO A 56 1.25 -21.50 -0.53
N LEU A 57 1.68 -20.66 0.41
CA LEU A 57 0.77 -20.22 1.47
C LEU A 57 -0.49 -19.60 0.85
N ILE A 58 -0.19 -18.73 -0.11
CA ILE A 58 -1.19 -17.87 -0.74
C ILE A 58 -2.14 -18.70 -1.57
N GLN A 59 -1.53 -19.57 -2.38
CA GLN A 59 -2.28 -20.58 -3.11
C GLN A 59 -3.19 -21.34 -2.16
N GLU A 60 -2.62 -21.99 -1.14
CA GLU A 60 -3.42 -22.79 -0.22
C GLU A 60 -4.59 -22.01 0.38
N ASN A 61 -4.44 -20.69 0.49
CA ASN A 61 -5.45 -19.87 1.12
C ASN A 61 -6.20 -18.95 0.16
N ILE A 62 -6.06 -19.02 -1.16
CA ILE A 62 -6.65 -18.01 -2.02
C ILE A 62 -8.17 -18.00 -1.89
N VAL A 63 -8.76 -19.15 -1.58
CA VAL A 63 -10.23 -19.11 -1.58
C VAL A 63 -10.72 -18.19 -0.46
N ASN A 64 -10.14 -18.30 0.73
CA ASN A 64 -10.49 -17.34 1.78
C ASN A 64 -10.13 -15.91 1.35
N ILE A 65 -9.00 -15.72 0.67
CA ILE A 65 -8.62 -14.37 0.28
C ILE A 65 -9.67 -13.79 -0.68
N VAL A 66 -10.21 -14.55 -1.64
CA VAL A 66 -11.12 -13.92 -2.62
C VAL A 66 -12.50 -13.72 -2.01
N ASP A 67 -12.95 -14.68 -1.20
CA ASP A 67 -14.23 -14.54 -0.53
C ASP A 67 -14.31 -13.25 0.30
N ALA A 68 -13.26 -13.08 1.10
CA ALA A 68 -13.13 -11.90 1.94
C ALA A 68 -13.16 -10.63 1.09
N PHE A 69 -12.52 -10.67 -0.08
CA PHE A 69 -12.45 -9.51 -0.95
C PHE A 69 -13.82 -9.07 -1.48
N TYR A 70 -14.65 -9.96 -1.99
CA TYR A 70 -15.95 -9.55 -2.57
C TYR A 70 -16.91 -9.16 -1.47
N LYS A 71 -16.84 -9.88 -0.36
CA LYS A 71 -17.56 -9.54 0.87
C LYS A 71 -17.31 -8.09 1.28
N ASN A 72 -16.04 -7.69 1.33
CA ASN A 72 -15.70 -6.32 1.64
C ASN A 72 -16.36 -5.36 0.66
N LEU A 73 -16.34 -5.70 -0.62
CA LEU A 73 -16.92 -4.74 -1.58
C LEU A 73 -18.41 -4.52 -1.41
N ASP A 74 -19.17 -5.30 -0.63
CA ASP A 74 -20.56 -4.81 -0.64
C ASP A 74 -20.80 -3.92 0.58
N HIS A 75 -19.96 -2.90 0.70
CA HIS A 75 -20.04 -1.74 1.56
C HIS A 75 -20.48 -0.54 0.69
N GLU A 76 -20.18 -0.71 -0.59
CA GLU A 76 -20.49 0.20 -1.69
C GLU A 76 -21.30 -0.58 -2.73
N SER A 77 -22.62 -0.38 -2.70
CA SER A 77 -23.58 -1.07 -3.56
C SER A 77 -23.29 -0.83 -5.03
N SER A 78 -22.80 0.37 -5.36
CA SER A 78 -22.47 0.65 -6.76
C SER A 78 -21.31 -0.19 -7.28
N LEU A 79 -20.46 -0.71 -6.38
CA LEU A 79 -19.35 -1.52 -6.89
C LEU A 79 -19.90 -2.89 -7.30
N MET A 80 -20.88 -3.30 -6.51
CA MET A 80 -21.57 -4.56 -6.73
C MET A 80 -22.45 -4.45 -7.99
N ASP A 81 -23.00 -3.27 -8.27
CA ASP A 81 -23.80 -3.07 -9.46
C ASP A 81 -22.93 -3.23 -10.70
N ILE A 82 -21.73 -2.67 -10.50
CA ILE A 82 -20.72 -2.74 -11.53
C ILE A 82 -20.40 -4.20 -11.84
N ILE A 83 -20.19 -4.97 -10.78
CA ILE A 83 -19.83 -6.38 -10.99
C ILE A 83 -20.97 -7.14 -11.67
N ASN A 84 -22.18 -6.94 -11.14
CA ASN A 84 -23.35 -7.63 -11.68
C ASN A 84 -23.74 -7.12 -13.05
N ASP A 85 -23.42 -5.87 -13.41
CA ASP A 85 -23.65 -5.44 -14.78
C ASP A 85 -22.72 -6.14 -15.76
N HIS A 86 -21.51 -6.46 -15.32
CA HIS A 86 -20.55 -7.01 -16.29
C HIS A 86 -20.26 -8.48 -16.08
N SER A 87 -20.68 -9.05 -14.96
CA SER A 87 -20.17 -10.39 -14.65
C SER A 87 -20.88 -10.92 -13.45
N SER A 88 -20.07 -11.53 -12.59
CA SER A 88 -20.63 -11.91 -11.28
C SER A 88 -19.47 -12.18 -10.34
N VAL A 89 -19.74 -12.17 -9.05
CA VAL A 89 -18.66 -12.39 -8.08
C VAL A 89 -17.99 -13.72 -8.40
N ASP A 90 -18.88 -14.69 -8.51
CA ASP A 90 -18.53 -16.09 -8.62
C ASP A 90 -17.55 -16.26 -9.76
N ARG A 91 -17.77 -15.48 -10.81
CA ARG A 91 -16.87 -15.64 -11.95
C ARG A 91 -15.63 -14.75 -11.86
N LEU A 92 -15.70 -13.59 -11.20
CA LEU A 92 -14.54 -12.72 -10.95
C LEU A 92 -13.53 -13.35 -9.99
N LYS A 93 -14.01 -14.08 -9.00
CA LYS A 93 -13.19 -14.87 -8.11
C LYS A 93 -12.17 -15.72 -8.84
N GLN A 94 -12.61 -16.42 -9.90
CA GLN A 94 -11.67 -17.32 -10.57
C GLN A 94 -10.47 -16.57 -11.11
N THR A 95 -10.77 -15.42 -11.71
CA THR A 95 -9.75 -14.59 -12.34
C THR A 95 -8.98 -13.84 -11.24
N LEU A 96 -9.65 -13.55 -10.14
CA LEU A 96 -8.89 -12.89 -9.07
C LEU A 96 -7.90 -13.86 -8.43
N LYS A 97 -8.30 -15.15 -8.38
CA LYS A 97 -7.43 -16.15 -7.82
C LYS A 97 -6.08 -16.15 -8.55
N ARG A 98 -6.16 -16.20 -9.86
CA ARG A 98 -5.04 -16.31 -10.77
C ARG A 98 -4.24 -15.01 -10.78
N HIS A 99 -4.92 -13.86 -10.77
CA HIS A 99 -4.20 -12.60 -10.62
C HIS A 99 -3.42 -12.53 -9.30
N ILE A 100 -4.04 -12.91 -8.19
CA ILE A 100 -3.35 -12.79 -6.90
C ILE A 100 -2.10 -13.66 -6.91
N GLN A 101 -2.32 -14.91 -7.31
CA GLN A 101 -1.23 -15.86 -7.49
C GLN A 101 -0.19 -15.39 -8.48
N GLU A 102 -0.52 -14.56 -9.47
CA GLU A 102 0.52 -14.10 -10.39
C GLU A 102 1.43 -13.09 -9.67
N MET A 103 0.93 -12.51 -8.59
CA MET A 103 1.73 -11.61 -7.77
C MET A 103 2.86 -12.32 -7.01
N PHE A 104 2.71 -13.61 -6.74
CA PHE A 104 3.68 -14.35 -5.93
C PHE A 104 4.53 -15.30 -6.75
N ALA A 105 4.69 -14.92 -8.01
CA ALA A 105 5.41 -15.77 -8.95
C ALA A 105 6.92 -15.57 -8.80
N GLY A 106 7.35 -14.43 -8.27
CA GLY A 106 8.77 -14.25 -8.03
C GLY A 106 9.50 -13.76 -9.27
N VAL A 107 8.77 -13.37 -10.31
CA VAL A 107 9.40 -12.77 -11.47
C VAL A 107 8.63 -11.55 -11.97
N ILE A 108 9.33 -10.44 -12.19
CA ILE A 108 8.66 -9.30 -12.83
C ILE A 108 9.10 -9.27 -14.28
N ASP A 109 8.22 -9.42 -15.27
CA ASP A 109 8.78 -9.26 -16.62
C ASP A 109 7.83 -8.39 -17.43
N ASP A 110 8.15 -8.20 -18.70
CA ASP A 110 7.29 -7.39 -19.56
C ASP A 110 5.84 -7.89 -19.46
N GLU A 111 5.65 -9.20 -19.53
CA GLU A 111 4.29 -9.70 -19.67
C GLU A 111 3.49 -9.37 -18.43
N PHE A 112 4.22 -9.46 -17.32
CA PHE A 112 3.65 -9.10 -16.03
C PHE A 112 3.11 -7.67 -16.08
N ILE A 113 3.96 -6.74 -16.51
CA ILE A 113 3.55 -5.36 -16.63
C ILE A 113 2.34 -5.22 -17.57
N GLU A 114 2.53 -5.66 -18.80
CA GLU A 114 1.51 -5.57 -19.84
C GLU A 114 0.16 -6.10 -19.38
N LYS A 115 0.14 -7.25 -18.72
CA LYS A 115 -1.10 -7.72 -18.10
C LYS A 115 -1.60 -6.70 -17.08
N ARG A 116 -0.72 -6.08 -16.30
CA ARG A 116 -1.28 -5.12 -15.33
C ARG A 116 -1.88 -3.93 -16.08
N ASN A 117 -1.22 -3.45 -17.14
CA ASN A 117 -1.81 -2.33 -17.87
C ASN A 117 -3.17 -2.71 -18.44
N ARG A 118 -3.30 -3.98 -18.80
CA ARG A 118 -4.56 -4.41 -19.41
C ARG A 118 -5.69 -4.37 -18.39
N ILE A 119 -5.41 -4.84 -17.16
CA ILE A 119 -6.54 -4.90 -16.22
C ILE A 119 -6.90 -3.49 -15.75
N ALA A 120 -5.92 -2.59 -15.81
CA ALA A 120 -6.16 -1.20 -15.48
C ALA A 120 -7.18 -0.58 -16.42
N SER A 121 -6.93 -0.76 -17.71
CA SER A 121 -7.74 -0.20 -18.79
C SER A 121 -9.17 -0.70 -18.67
N ILE A 122 -9.23 -2.00 -18.32
CA ILE A 122 -10.51 -2.65 -18.11
C ILE A 122 -11.27 -1.97 -16.97
N HIS A 123 -10.61 -1.66 -15.85
CA HIS A 123 -11.41 -1.10 -14.76
C HIS A 123 -11.76 0.34 -15.13
N LEU A 124 -10.88 0.93 -15.93
CA LEU A 124 -11.16 2.29 -16.36
C LEU A 124 -12.47 2.31 -17.15
N ARG A 125 -12.55 1.45 -18.14
CA ARG A 125 -13.68 1.29 -19.03
C ARG A 125 -15.01 1.15 -18.31
N ILE A 126 -15.08 0.19 -17.40
CA ILE A 126 -16.32 -0.12 -16.68
C ILE A 126 -16.62 0.95 -15.64
N GLY A 127 -15.74 1.96 -15.52
CA GLY A 127 -16.04 3.04 -14.60
C GLY A 127 -15.69 2.80 -13.16
N LEU A 128 -14.65 2.04 -12.81
CA LEU A 128 -14.27 1.96 -11.39
C LEU A 128 -13.58 3.26 -10.99
N LEU A 129 -13.93 3.87 -9.85
CA LEU A 129 -13.24 5.12 -9.52
C LEU A 129 -11.95 4.75 -8.81
N PRO A 130 -10.86 5.48 -8.97
CA PRO A 130 -9.59 5.00 -8.42
C PRO A 130 -9.63 4.85 -6.91
N LYS A 131 -10.53 5.55 -6.21
CA LYS A 131 -10.32 5.42 -4.76
C LYS A 131 -10.85 4.10 -4.29
N TRP A 132 -11.89 3.56 -4.94
CA TRP A 132 -12.36 2.24 -4.51
C TRP A 132 -11.33 1.17 -4.95
N TYR A 133 -10.73 1.32 -6.13
CA TYR A 133 -9.68 0.40 -6.56
C TYR A 133 -8.59 0.32 -5.49
N MET A 134 -8.08 1.47 -5.06
CA MET A 134 -7.03 1.50 -4.06
C MET A 134 -7.44 0.91 -2.73
N GLY A 135 -8.64 1.28 -2.29
CA GLY A 135 -9.11 0.76 -1.00
C GLY A 135 -9.20 -0.75 -0.99
N ALA A 136 -9.45 -1.34 -2.16
CA ALA A 136 -9.73 -2.77 -2.24
C ALA A 136 -8.48 -3.59 -2.01
N PHE A 137 -7.31 -3.06 -2.36
CA PHE A 137 -6.05 -3.77 -2.12
C PHE A 137 -5.77 -3.94 -0.63
N GLN A 138 -6.46 -3.17 0.20
CA GLN A 138 -6.20 -3.26 1.64
C GLN A 138 -6.85 -4.51 2.23
N GLU A 139 -7.98 -5.00 1.71
CA GLU A 139 -8.47 -6.25 2.33
C GLU A 139 -7.52 -7.38 1.95
N LEU A 140 -6.88 -7.24 0.79
CA LEU A 140 -5.98 -8.32 0.40
C LEU A 140 -4.82 -8.41 1.39
N LEU A 141 -4.23 -7.24 1.66
CA LEU A 141 -3.07 -7.10 2.51
C LEU A 141 -3.28 -7.73 3.88
N LEU A 142 -4.47 -7.46 4.41
CA LEU A 142 -4.97 -7.84 5.71
C LEU A 142 -5.23 -9.34 5.77
N SER A 143 -5.77 -9.86 4.66
CA SER A 143 -5.99 -11.31 4.69
C SER A 143 -4.62 -11.97 4.59
N MET A 144 -3.71 -11.36 3.83
CA MET A 144 -2.40 -12.04 3.73
C MET A 144 -1.67 -12.01 5.07
N ILE A 145 -1.61 -10.86 5.72
CA ILE A 145 -0.92 -10.71 7.00
C ILE A 145 -1.38 -11.77 7.99
N ASP A 146 -2.68 -12.02 8.00
CA ASP A 146 -3.39 -13.02 8.76
C ASP A 146 -2.92 -14.43 8.42
N ILE A 147 -2.65 -14.64 7.13
CA ILE A 147 -2.18 -15.98 6.76
C ILE A 147 -0.75 -16.22 7.20
N TYR A 148 0.07 -15.18 7.04
CA TYR A 148 1.45 -15.19 7.48
C TYR A 148 1.55 -15.48 8.97
N GLU A 149 0.80 -14.72 9.78
CA GLU A 149 0.90 -14.89 11.22
C GLU A 149 0.54 -16.30 11.64
N ALA A 150 -0.53 -16.84 11.04
CA ALA A 150 -0.87 -18.22 11.42
C ALA A 150 0.26 -19.15 11.00
N SER A 151 0.97 -18.82 9.92
CA SER A 151 1.86 -19.89 9.44
C SER A 151 3.32 -19.62 9.68
N ILE A 152 3.67 -18.36 9.95
CA ILE A 152 5.09 -18.03 10.08
C ILE A 152 5.37 -17.52 11.49
N THR A 153 5.83 -18.39 12.38
CA THR A 153 5.91 -18.10 13.80
C THR A 153 7.23 -17.48 14.22
N ASN A 154 8.20 -17.49 13.31
CA ASN A 154 9.41 -16.71 13.56
C ASN A 154 9.08 -15.24 13.33
N GLN A 155 9.09 -14.40 14.35
CA GLN A 155 8.77 -12.98 14.27
C GLN A 155 9.54 -12.28 13.16
N GLN A 156 10.81 -12.62 13.00
CA GLN A 156 11.62 -11.91 12.01
C GLN A 156 11.26 -12.28 10.58
N GLU A 157 10.96 -13.54 10.31
CA GLU A 157 10.52 -14.03 9.02
C GLU A 157 9.14 -13.48 8.65
N LEU A 158 8.30 -13.33 9.67
CA LEU A 158 7.00 -12.69 9.56
C LEU A 158 7.11 -11.29 8.97
N LEU A 159 7.99 -10.49 9.57
CA LEU A 159 8.10 -9.12 9.09
C LEU A 159 8.56 -9.14 7.64
N LYS A 160 9.42 -10.15 7.41
CA LYS A 160 10.04 -10.21 6.08
C LYS A 160 8.96 -10.53 5.05
N ALA A 161 8.01 -11.39 5.42
CA ALA A 161 6.96 -11.71 4.45
C ALA A 161 6.06 -10.51 4.21
N ILE A 162 5.68 -9.82 5.29
CA ILE A 162 4.90 -8.59 5.24
C ILE A 162 5.57 -7.53 4.39
N LYS A 163 6.87 -7.27 4.61
CA LYS A 163 7.47 -6.20 3.81
C LYS A 163 7.45 -6.49 2.31
N ALA A 164 7.79 -7.71 1.92
CA ALA A 164 7.79 -8.12 0.52
C ALA A 164 6.43 -7.88 -0.13
N THR A 165 5.41 -8.30 0.61
CA THR A 165 4.00 -8.20 0.23
C THR A 165 3.58 -6.74 0.08
N THR A 166 3.89 -5.89 1.06
CA THR A 166 3.54 -4.47 0.87
C THR A 166 4.22 -3.94 -0.37
N LYS A 167 5.41 -4.49 -0.67
CA LYS A 167 6.09 -4.01 -1.87
C LYS A 167 5.37 -4.41 -3.15
N ILE A 168 4.98 -5.68 -3.22
CA ILE A 168 4.39 -6.11 -4.51
C ILE A 168 3.04 -5.44 -4.66
N LEU A 169 2.29 -5.30 -3.56
CA LEU A 169 1.01 -4.60 -3.69
C LEU A 169 1.18 -3.15 -4.13
N ASN A 170 2.14 -2.42 -3.58
CA ASN A 170 2.39 -1.05 -4.02
C ASN A 170 2.74 -0.99 -5.49
N LEU A 171 3.56 -1.93 -5.98
CA LEU A 171 3.84 -1.93 -7.43
C LEU A 171 2.57 -2.16 -8.24
N GLU A 172 1.75 -3.11 -7.80
CA GLU A 172 0.42 -3.29 -8.39
C GLU A 172 -0.32 -1.96 -8.47
N GLN A 173 -0.40 -1.22 -7.37
CA GLN A 173 -1.14 0.04 -7.46
C GLN A 173 -0.49 1.01 -8.43
N GLN A 174 0.83 1.05 -8.45
CA GLN A 174 1.50 1.96 -9.39
C GLN A 174 1.17 1.62 -10.84
N LEU A 175 1.11 0.34 -11.15
CA LEU A 175 0.85 -0.14 -12.50
C LEU A 175 -0.52 0.26 -13.02
N VAL A 176 -1.53 0.15 -12.16
CA VAL A 176 -2.88 0.49 -12.64
C VAL A 176 -3.09 1.99 -12.71
N LEU A 177 -2.33 2.84 -12.01
CA LEU A 177 -2.63 4.27 -12.03
C LEU A 177 -1.87 5.04 -13.09
N GLU A 178 -2.48 6.04 -13.70
CA GLU A 178 -3.86 6.48 -13.59
C GLU A 178 -4.41 6.73 -15.01
N GLN B 21 -10.29 4.89 22.64
CA GLN B 21 -11.12 5.23 21.47
C GLN B 21 -12.45 5.83 21.93
N LYS B 22 -12.80 6.97 21.36
CA LYS B 22 -13.97 7.75 21.75
C LYS B 22 -14.96 7.93 20.60
N ASN B 23 -14.78 9.08 19.97
CA ASN B 23 -15.54 9.62 18.84
C ASN B 23 -14.54 10.24 17.88
N ARG B 24 -13.60 9.42 17.45
CA ARG B 24 -12.45 9.92 16.71
C ARG B 24 -12.75 10.10 15.24
N ILE B 25 -13.95 9.70 14.79
CA ILE B 25 -14.21 10.01 13.37
C ILE B 25 -15.39 10.97 13.34
N GLN B 26 -15.19 12.20 12.87
CA GLN B 26 -16.19 13.24 13.02
C GLN B 26 -16.47 13.94 11.69
N LEU B 27 -17.10 13.19 10.78
CA LEU B 27 -17.40 13.65 9.44
C LEU B 27 -18.86 14.01 9.24
N THR B 28 -19.03 15.10 8.49
CA THR B 28 -20.31 15.59 8.02
C THR B 28 -20.72 14.83 6.76
N ASN B 29 -21.99 14.84 6.42
CA ASN B 29 -22.55 14.18 5.25
C ASN B 29 -21.88 14.61 3.97
N LYS B 30 -21.19 15.75 3.95
CA LYS B 30 -20.48 15.99 2.68
C LYS B 30 -19.37 14.96 2.47
N HIS B 31 -18.93 14.29 3.53
CA HIS B 31 -17.93 13.25 3.41
C HIS B 31 -18.50 11.86 3.58
N ALA B 32 -19.74 11.69 3.13
CA ALA B 32 -20.42 10.40 3.10
C ALA B 32 -19.55 9.27 2.56
N ASP B 33 -18.95 9.37 1.39
CA ASP B 33 -18.22 8.26 0.79
C ASP B 33 -17.00 7.89 1.64
N VAL B 34 -16.39 8.90 2.25
CA VAL B 34 -15.20 8.69 3.09
C VAL B 34 -15.53 7.76 4.24
N LYS B 35 -16.73 7.92 4.77
CA LYS B 35 -17.22 7.05 5.82
C LYS B 35 -17.25 5.62 5.32
N LYS B 36 -17.69 5.47 4.06
CA LYS B 36 -17.76 4.11 3.55
C LYS B 36 -16.34 3.59 3.34
N GLN B 37 -15.52 4.52 2.85
CA GLN B 37 -14.13 4.22 2.56
C GLN B 37 -13.46 3.73 3.84
N LEU B 38 -13.63 4.40 4.97
CA LEU B 38 -13.06 4.01 6.26
C LEU B 38 -13.48 2.63 6.74
N LYS B 39 -14.79 2.39 6.56
CA LYS B 39 -15.35 1.11 6.96
C LYS B 39 -14.70 0.01 6.13
N MET B 40 -14.41 0.30 4.86
CA MET B 40 -13.84 -0.68 3.94
C MET B 40 -12.35 -0.93 4.17
N VAL B 41 -11.64 -0.02 4.83
CA VAL B 41 -10.24 -0.41 5.15
C VAL B 41 -10.19 -0.76 6.63
N ARG B 42 -11.36 -0.73 7.26
CA ARG B 42 -11.42 -1.12 8.66
C ARG B 42 -10.63 -0.16 9.56
N LEU B 43 -10.71 1.10 9.20
CA LEU B 43 -10.18 2.23 9.94
C LEU B 43 -11.28 2.84 10.81
N GLY B 44 -11.39 2.34 12.03
CA GLY B 44 -12.31 2.89 13.03
C GLY B 44 -11.61 3.44 14.26
N ASP B 45 -12.33 3.55 15.36
CA ASP B 45 -11.89 4.16 16.60
C ASP B 45 -10.69 3.50 17.25
N ALA B 46 -10.75 2.18 17.35
CA ALA B 46 -9.67 1.34 17.82
C ALA B 46 -8.36 1.56 17.07
N GLU B 47 -8.45 1.62 15.75
CA GLU B 47 -7.25 1.81 14.92
C GLU B 47 -6.75 3.23 15.05
N LEU B 48 -7.69 4.16 15.23
CA LEU B 48 -7.25 5.54 15.41
C LEU B 48 -6.61 5.73 16.77
N TYR B 49 -7.14 5.04 17.77
CA TYR B 49 -6.55 5.10 19.09
C TYR B 49 -5.12 4.57 19.06
N VAL B 50 -4.95 3.49 18.29
CA VAL B 50 -3.62 2.91 18.12
C VAL B 50 -2.62 3.88 17.50
N LEU B 51 -3.01 4.60 16.46
CA LEU B 51 -2.23 5.63 15.81
C LEU B 51 -1.88 6.75 16.79
N GLU B 52 -2.85 7.20 17.58
CA GLU B 52 -2.59 8.19 18.61
C GLU B 52 -1.50 7.71 19.57
N GLN B 53 -1.64 6.48 20.02
CA GLN B 53 -0.65 5.77 20.82
C GLN B 53 0.72 5.74 20.16
N LEU B 54 0.75 5.65 18.84
CA LEU B 54 2.03 5.66 18.15
C LEU B 54 2.64 7.03 17.94
N GLN B 55 1.89 8.10 18.07
CA GLN B 55 2.38 9.43 17.75
C GLN B 55 3.72 9.78 18.42
N PRO B 56 3.87 9.56 19.72
CA PRO B 56 5.17 9.85 20.33
C PRO B 56 6.31 9.11 19.67
N LEU B 57 6.15 7.82 19.39
CA LEU B 57 7.18 7.09 18.64
C LEU B 57 7.50 7.78 17.32
N ILE B 58 6.43 8.14 16.61
CA ILE B 58 6.61 8.76 15.30
C ILE B 58 7.28 10.11 15.47
N GLN B 59 6.81 10.92 16.42
CA GLN B 59 7.44 12.23 16.56
C GLN B 59 8.91 12.07 16.93
N GLU B 60 9.26 11.00 17.65
CA GLU B 60 10.66 10.99 18.09
C GLU B 60 11.57 10.55 16.95
N ASN B 61 11.07 10.11 15.81
CA ASN B 61 11.94 9.80 14.67
C ASN B 61 11.56 10.55 13.40
N ILE B 62 10.83 11.64 13.49
CA ILE B 62 10.32 12.29 12.29
C ILE B 62 11.45 12.83 11.43
N VAL B 63 12.51 13.36 12.06
CA VAL B 63 13.57 13.93 11.21
C VAL B 63 14.18 12.89 10.29
N ASN B 64 14.49 11.76 10.91
CA ASN B 64 15.04 10.64 10.15
C ASN B 64 14.05 10.03 9.18
N ILE B 65 12.77 9.98 9.52
CA ILE B 65 11.84 9.46 8.53
C ILE B 65 11.84 10.33 7.29
N VAL B 66 11.84 11.65 7.52
CA VAL B 66 11.79 12.56 6.38
C VAL B 66 13.13 12.61 5.66
N ASP B 67 14.25 12.51 6.39
CA ASP B 67 15.51 12.42 5.64
C ASP B 67 15.47 11.24 4.66
N ALA B 68 14.97 10.11 5.14
CA ALA B 68 14.91 8.92 4.30
C ALA B 68 13.97 9.12 3.11
N PHE B 69 12.86 9.83 3.33
CA PHE B 69 11.90 10.03 2.23
C PHE B 69 12.55 10.70 1.03
N TYR B 70 13.20 11.85 1.25
CA TYR B 70 13.79 12.63 0.16
C TYR B 70 15.02 11.94 -0.42
N LYS B 71 15.82 11.33 0.44
CA LYS B 71 16.95 10.50 0.01
C LYS B 71 16.48 9.52 -1.06
N ASN B 72 15.33 8.90 -0.71
CA ASN B 72 14.77 7.91 -1.63
C ASN B 72 14.28 8.58 -2.89
N LEU B 73 13.74 9.79 -2.79
CA LEU B 73 13.30 10.45 -4.03
C LEU B 73 14.48 10.71 -4.95
N ASP B 74 15.66 11.05 -4.43
CA ASP B 74 16.81 11.43 -5.24
C ASP B 74 17.22 10.40 -6.27
N HIS B 75 16.70 9.19 -6.23
CA HIS B 75 16.99 8.12 -7.18
C HIS B 75 16.25 8.34 -8.50
N GLU B 76 15.33 9.31 -8.48
CA GLU B 76 14.60 9.69 -9.68
C GLU B 76 14.78 11.19 -9.91
N SER B 77 15.73 11.54 -10.78
CA SER B 77 16.15 12.88 -11.11
C SER B 77 15.00 13.82 -11.47
N SER B 78 13.97 13.29 -12.12
CA SER B 78 12.84 14.15 -12.48
C SER B 78 12.01 14.51 -11.26
N LEU B 79 12.06 13.69 -10.21
CA LEU B 79 11.27 14.10 -9.04
C LEU B 79 11.92 15.28 -8.32
N MET B 80 13.26 15.23 -8.21
CA MET B 80 13.94 16.32 -7.53
C MET B 80 13.90 17.56 -8.40
N ASP B 81 13.77 17.33 -9.71
CA ASP B 81 13.68 18.51 -10.56
C ASP B 81 12.39 19.27 -10.28
N ILE B 82 11.28 18.55 -10.15
CA ILE B 82 9.99 19.16 -9.82
C ILE B 82 10.04 19.90 -8.50
N ILE B 83 10.75 19.28 -7.55
CA ILE B 83 10.87 19.85 -6.21
C ILE B 83 11.68 21.14 -6.26
N ASN B 84 12.81 21.11 -6.98
CA ASN B 84 13.62 22.33 -7.07
C ASN B 84 13.05 23.41 -7.98
N ASP B 85 12.12 23.09 -8.86
CA ASP B 85 11.46 24.07 -9.70
C ASP B 85 10.49 24.92 -8.87
N HIS B 86 9.86 24.27 -7.90
CA HIS B 86 8.74 24.79 -7.17
C HIS B 86 9.05 25.24 -5.74
N SER B 87 10.06 24.62 -5.17
CA SER B 87 10.38 24.70 -3.75
C SER B 87 11.77 24.16 -3.44
N SER B 88 11.94 23.40 -2.37
CA SER B 88 13.23 22.83 -2.03
C SER B 88 13.05 21.75 -0.96
N VAL B 89 14.02 20.85 -0.85
CA VAL B 89 13.90 19.75 0.12
C VAL B 89 13.82 20.26 1.55
N ASP B 90 14.50 21.37 1.82
CA ASP B 90 14.50 21.88 3.20
C ASP B 90 13.13 22.47 3.51
N ARG B 91 12.60 23.24 2.55
CA ARG B 91 11.23 23.73 2.87
C ARG B 91 10.24 22.58 2.88
N LEU B 92 10.40 21.61 1.99
CA LEU B 92 9.46 20.49 1.91
C LEU B 92 9.49 19.59 3.12
N LYS B 93 10.64 19.32 3.75
CA LYS B 93 10.62 18.50 4.96
C LYS B 93 9.84 19.15 6.09
N GLN B 94 9.69 20.50 6.06
CA GLN B 94 8.93 21.05 7.17
C GLN B 94 7.45 20.69 7.02
N THR B 95 6.90 20.79 5.80
CA THR B 95 5.47 20.42 5.69
C THR B 95 5.29 18.91 5.81
N LEU B 96 6.32 18.12 5.47
CA LEU B 96 6.09 16.67 5.49
C LEU B 96 6.14 16.13 6.91
N LYS B 97 6.99 16.74 7.71
CA LYS B 97 7.07 16.42 9.14
C LYS B 97 5.72 16.59 9.81
N ARG B 98 5.05 17.68 9.44
CA ARG B 98 3.77 18.04 10.03
C ARG B 98 2.61 17.20 9.52
N HIS B 99 2.66 16.94 8.21
CA HIS B 99 1.69 16.06 7.57
C HIS B 99 1.74 14.64 8.13
N ILE B 100 2.97 14.09 8.20
CA ILE B 100 3.03 12.73 8.74
C ILE B 100 2.58 12.72 10.20
N GLN B 101 2.98 13.71 10.99
CA GLN B 101 2.59 13.73 12.41
C GLN B 101 1.08 13.87 12.56
N GLU B 102 0.48 14.69 11.70
CA GLU B 102 -0.99 14.72 11.75
C GLU B 102 -1.65 13.39 11.41
N MET B 103 -0.92 12.46 10.82
CA MET B 103 -1.48 11.17 10.43
C MET B 103 -1.78 10.28 11.63
N PHE B 104 -1.07 10.57 12.71
CA PHE B 104 -1.18 9.80 13.93
C PHE B 104 -1.91 10.61 15.00
N ALA B 105 -2.72 11.57 14.52
CA ALA B 105 -3.46 12.39 15.49
C ALA B 105 -4.52 11.56 16.19
N GLY B 106 -4.98 10.50 15.51
CA GLY B 106 -5.98 9.67 16.15
C GLY B 106 -7.40 10.16 15.95
N VAL B 107 -7.63 11.00 14.95
CA VAL B 107 -8.89 11.65 14.65
C VAL B 107 -9.05 12.03 13.18
N ILE B 108 -10.16 11.57 12.60
CA ILE B 108 -10.42 11.96 11.23
C ILE B 108 -11.58 12.95 11.17
N ASP B 109 -11.36 14.19 10.75
CA ASP B 109 -12.48 15.12 10.70
C ASP B 109 -12.56 15.77 9.32
N ASP B 110 -13.55 16.62 9.10
CA ASP B 110 -13.72 17.26 7.78
C ASP B 110 -12.48 18.01 7.35
N GLU B 111 -11.83 18.67 8.31
CA GLU B 111 -10.64 19.42 7.95
C GLU B 111 -9.46 18.52 7.62
N PHE B 112 -9.34 17.39 8.34
CA PHE B 112 -8.29 16.43 7.96
C PHE B 112 -8.47 16.05 6.50
N ILE B 113 -9.70 15.64 6.17
CA ILE B 113 -9.96 15.28 4.79
C ILE B 113 -9.69 16.44 3.85
N GLU B 114 -10.18 17.62 4.22
CA GLU B 114 -10.07 18.81 3.38
C GLU B 114 -8.65 19.22 3.08
N LYS B 115 -7.73 19.09 4.03
CA LYS B 115 -6.33 19.41 3.74
C LYS B 115 -5.71 18.40 2.78
N ARG B 116 -5.96 17.12 3.01
CA ARG B 116 -5.44 16.06 2.12
C ARG B 116 -5.85 16.34 0.69
N ASN B 117 -7.10 16.78 0.52
CA ASN B 117 -7.56 17.18 -0.80
C ASN B 117 -6.77 18.35 -1.36
N ARG B 118 -6.62 19.44 -0.60
CA ARG B 118 -5.84 20.56 -1.16
C ARG B 118 -4.41 20.14 -1.45
N ILE B 119 -3.83 19.32 -0.56
CA ILE B 119 -2.44 18.92 -0.78
C ILE B 119 -2.32 18.05 -2.01
N ALA B 120 -3.38 17.29 -2.28
CA ALA B 120 -3.34 16.45 -3.47
C ALA B 120 -3.21 17.29 -4.73
N SER B 121 -4.15 18.20 -4.91
CA SER B 121 -4.32 19.06 -6.05
C SER B 121 -3.06 19.87 -6.34
N ILE B 122 -2.32 20.20 -5.28
CA ILE B 122 -1.03 20.86 -5.52
C ILE B 122 -0.16 19.91 -6.33
N HIS B 123 -0.21 18.63 -5.94
CA HIS B 123 0.71 17.70 -6.66
C HIS B 123 0.27 17.51 -8.10
N LEU B 124 -1.03 17.59 -8.40
CA LEU B 124 -1.35 17.41 -9.83
C LEU B 124 -0.98 18.64 -10.62
N ARG B 125 -1.10 19.81 -10.02
CA ARG B 125 -0.74 21.04 -10.72
C ARG B 125 0.76 21.13 -10.99
N ILE B 126 1.61 20.56 -10.15
CA ILE B 126 3.05 20.58 -10.32
C ILE B 126 3.49 19.46 -11.26
N GLY B 127 2.55 18.60 -11.64
CA GLY B 127 2.86 17.55 -12.59
C GLY B 127 3.42 16.28 -11.98
N LEU B 128 3.18 16.04 -10.68
CA LEU B 128 3.63 14.77 -10.12
C LEU B 128 2.77 13.59 -10.55
N LEU B 129 3.40 12.61 -11.20
CA LEU B 129 2.78 11.37 -11.64
C LEU B 129 2.36 10.51 -10.46
N PRO B 130 1.16 9.95 -10.58
CA PRO B 130 0.55 9.13 -9.53
C PRO B 130 1.29 7.84 -9.23
N LYS B 131 2.04 7.27 -10.17
CA LYS B 131 2.91 6.15 -9.86
C LYS B 131 3.93 6.62 -8.82
N TRP B 132 4.52 7.78 -9.09
CA TRP B 132 5.57 8.26 -8.18
C TRP B 132 4.96 8.59 -6.83
N TYR B 133 3.89 9.37 -6.83
CA TYR B 133 3.09 9.64 -5.64
C TYR B 133 2.88 8.35 -4.84
N MET B 134 2.47 7.27 -5.51
CA MET B 134 2.19 6.00 -4.89
C MET B 134 3.41 5.31 -4.29
N GLY B 135 4.48 5.28 -5.08
CA GLY B 135 5.68 4.63 -4.55
C GLY B 135 6.10 5.32 -3.27
N ALA B 136 6.02 6.66 -3.26
CA ALA B 136 6.45 7.48 -2.15
C ALA B 136 5.86 7.06 -0.81
N PHE B 137 4.70 6.42 -0.81
CA PHE B 137 4.00 6.03 0.42
C PHE B 137 4.56 4.73 0.99
N GLN B 138 5.26 4.01 0.12
CA GLN B 138 5.81 2.72 0.51
C GLN B 138 7.06 2.94 1.37
N GLU B 139 7.84 3.92 0.95
CA GLU B 139 9.01 4.42 1.67
C GLU B 139 8.70 4.83 3.10
N LEU B 140 7.61 5.58 3.26
CA LEU B 140 7.20 5.98 4.59
C LEU B 140 6.82 4.73 5.39
N LEU B 141 5.98 3.87 4.82
CA LEU B 141 5.58 2.63 5.47
C LEU B 141 6.74 1.77 6.01
N LEU B 142 7.76 1.58 5.21
CA LEU B 142 9.00 0.86 5.43
C LEU B 142 9.79 1.49 6.57
N SER B 143 9.98 2.81 6.50
CA SER B 143 10.62 3.51 7.61
C SER B 143 9.80 3.32 8.88
N MET B 144 8.47 3.32 8.70
CA MET B 144 7.60 3.15 9.85
C MET B 144 7.65 1.74 10.41
N ILE B 145 7.68 0.75 9.51
CA ILE B 145 7.72 -0.63 9.98
C ILE B 145 9.09 -0.86 10.63
N ASP B 146 10.10 -0.14 10.17
CA ASP B 146 11.42 -0.32 10.77
C ASP B 146 11.39 0.17 12.21
N ILE B 147 10.92 1.40 12.40
CA ILE B 147 10.79 1.89 13.77
C ILE B 147 9.98 0.99 14.68
N TYR B 148 8.83 0.47 14.23
CA TYR B 148 8.02 -0.36 15.13
C TYR B 148 8.73 -1.68 15.45
N GLU B 149 9.57 -2.16 14.53
CA GLU B 149 10.21 -3.46 14.82
C GLU B 149 11.29 -3.28 15.87
N ALA B 150 11.89 -2.08 15.85
CA ALA B 150 12.92 -1.80 16.84
C ALA B 150 12.31 -1.42 18.18
N SER B 151 11.05 -0.99 18.14
CA SER B 151 10.46 -0.38 19.31
C SER B 151 9.34 -1.17 19.94
N ILE B 152 8.77 -2.17 19.27
CA ILE B 152 7.56 -2.76 19.90
C ILE B 152 7.76 -4.27 19.96
N THR B 153 7.85 -4.81 21.18
CA THR B 153 8.38 -6.16 21.32
C THR B 153 7.31 -7.21 21.10
N ASN B 154 6.15 -6.94 21.70
CA ASN B 154 5.11 -7.96 21.64
C ASN B 154 4.58 -8.08 20.22
N GLN B 155 4.56 -9.29 19.69
CA GLN B 155 4.32 -9.50 18.27
C GLN B 155 2.91 -9.01 17.89
N GLN B 156 1.97 -9.17 18.82
CA GLN B 156 0.60 -8.73 18.50
C GLN B 156 0.49 -7.22 18.46
N GLU B 157 1.05 -6.53 19.45
CA GLU B 157 1.04 -5.07 19.38
C GLU B 157 1.78 -4.60 18.14
N LEU B 158 2.85 -5.33 17.78
CA LEU B 158 3.61 -4.97 16.60
C LEU B 158 2.76 -5.10 15.35
N LEU B 159 2.02 -6.19 15.14
CA LEU B 159 1.11 -6.37 14.02
C LEU B 159 -0.01 -5.31 13.99
N LYS B 160 -0.57 -5.04 15.17
CA LYS B 160 -1.56 -4.00 15.43
C LYS B 160 -1.11 -2.62 14.96
N ALA B 161 0.13 -2.22 15.21
CA ALA B 161 0.68 -0.95 14.76
C ALA B 161 0.96 -0.91 13.28
N ILE B 162 1.56 -1.96 12.72
CA ILE B 162 1.69 -1.99 11.27
C ILE B 162 0.36 -1.96 10.52
N LYS B 163 -0.59 -2.75 10.99
CA LYS B 163 -1.92 -2.80 10.39
C LYS B 163 -2.57 -1.41 10.41
N ALA B 164 -2.57 -0.74 11.56
CA ALA B 164 -3.12 0.62 11.69
C ALA B 164 -2.48 1.57 10.70
N THR B 165 -1.16 1.55 10.65
CA THR B 165 -0.34 2.44 9.86
C THR B 165 -0.56 2.31 8.35
N THR B 166 -0.75 1.05 8.02
CA THR B 166 -1.12 0.54 6.69
C THR B 166 -2.50 1.04 6.31
N LYS B 167 -3.41 1.12 7.27
CA LYS B 167 -4.77 1.59 6.98
C LYS B 167 -4.77 3.06 6.64
N ILE B 168 -4.05 3.79 7.52
CA ILE B 168 -4.08 5.26 7.35
C ILE B 168 -3.36 5.64 6.07
N LEU B 169 -2.24 4.99 5.75
CA LEU B 169 -1.57 5.34 4.49
C LEU B 169 -2.44 5.01 3.28
N ASN B 170 -3.23 3.94 3.32
CA ASN B 170 -4.17 3.59 2.27
C ASN B 170 -5.27 4.65 2.10
N LEU B 171 -5.87 5.08 3.19
CA LEU B 171 -6.79 6.21 3.20
C LEU B 171 -6.17 7.37 2.42
N GLU B 172 -4.97 7.71 2.87
CA GLU B 172 -4.22 8.84 2.30
C GLU B 172 -4.04 8.67 0.82
N GLN B 173 -3.84 7.42 0.34
CA GLN B 173 -3.74 7.30 -1.12
C GLN B 173 -5.11 7.44 -1.75
N GLN B 174 -6.13 6.93 -1.04
CA GLN B 174 -7.47 7.07 -1.62
C GLN B 174 -7.85 8.52 -1.85
N LEU B 175 -7.55 9.37 -0.86
CA LEU B 175 -7.97 10.79 -0.87
C LEU B 175 -7.23 11.58 -1.93
N VAL B 176 -6.00 11.17 -2.19
CA VAL B 176 -5.17 11.75 -3.23
C VAL B 176 -5.67 11.37 -4.61
N LEU B 177 -6.12 10.14 -4.73
CA LEU B 177 -6.64 9.59 -5.98
C LEU B 177 -8.07 9.99 -6.29
N GLU B 178 -8.80 10.46 -5.31
CA GLU B 178 -10.18 10.93 -5.33
C GLU B 178 -10.62 11.48 -6.69
#